data_1L7I
#
_entry.id   1L7I
#
_cell.length_a   41.966
_cell.length_b   64.249
_cell.length_c   79.445
_cell.angle_alpha   90.00
_cell.angle_beta   105.44
_cell.angle_gamma   90.00
#
_symmetry.space_group_name_H-M   'P 1 21 1'
#
loop_
_entity.id
_entity.type
_entity.pdbx_description
1 polymer 'chimera of Fab2C4: "humanized" murine monoclonal antibody'
2 polymer 'chimera of Fab2C4: "humanized" murine monoclonal antibody'
3 non-polymer 'SULFATE ION'
4 water water
#
loop_
_entity_poly.entity_id
_entity_poly.type
_entity_poly.pdbx_seq_one_letter_code
_entity_poly.pdbx_strand_id
1 'polypeptide(L)'
;DIQMTQSPSSLSASVGDRVTITCKASQDVSIGVAWYQQKPGKAPKLLIYSASYRYTGVPSRFSGSGSGTDFTLTISSLQP
EDFATYYCQQYYIYPYTFGQGTKVEIKRTVAAPSVFIFPPSDEQLKSGTASVVCLLNNFYPREAKVQWKVDNALQSGNSQ
ESVTEQDSKDSTYSLSSTLTLSKADYEKHKVYACEVTHQGLSSPVTKSFNRGEC
;
L
2 'polypeptide(L)'
;EVQLVESGGGLVQPGGSLRLSCAASGFTFTDYTMDWVRQAPGKGLEWVADVNPNSGGSIYNQRFKGRFTLSVDRSKNTLY
LQMNSLRAEDTAVYYCARNLGPSFYFDYWGQGTLVTVSSASTKGPSVFPLAPSSKSTSGGTAALGCLVKDYFPEPVTVSW
NSGALTSGVHTFPAVLQSSGLYSLSSVVTVPSSSLGTQTYICNVNHKPSNTKVDKKVEPKSC
;
H
#
loop_
_chem_comp.id
_chem_comp.type
_chem_comp.name
_chem_comp.formula
SO4 non-polymer 'SULFATE ION' 'O4 S -2'
#
# COMPACT_ATOMS: atom_id res chain seq x y z
N ASP A 1 -24.46 16.81 -6.36
CA ASP A 1 -24.72 15.35 -6.43
C ASP A 1 -24.93 14.79 -5.02
N ILE A 2 -25.19 13.49 -4.94
CA ILE A 2 -25.41 12.85 -3.66
C ILE A 2 -24.08 12.53 -2.99
N GLN A 3 -23.94 12.98 -1.75
CA GLN A 3 -22.73 12.76 -0.97
C GLN A 3 -23.00 11.59 -0.02
N MET A 4 -21.99 10.76 0.16
CA MET A 4 -22.09 9.61 1.07
C MET A 4 -21.03 9.85 2.14
N THR A 5 -21.48 10.08 3.37
CA THR A 5 -20.56 10.36 4.48
C THR A 5 -20.51 9.22 5.50
N GLN A 6 -19.33 8.65 5.70
CA GLN A 6 -19.15 7.56 6.64
C GLN A 6 -18.62 7.97 8.00
N SER A 7 -18.93 7.16 9.01
CA SER A 7 -18.50 7.39 10.38
C SER A 7 -18.39 6.03 11.06
N PRO A 8 -17.33 5.82 11.86
CA PRO A 8 -16.27 6.80 12.13
C PRO A 8 -15.28 6.77 10.98
N SER A 9 -14.31 7.68 10.99
CA SER A 9 -13.30 7.71 9.94
C SER A 9 -12.36 6.53 10.15
N SER A 10 -12.20 6.14 11.40
CA SER A 10 -11.34 5.01 11.74
C SER A 10 -11.74 4.47 13.10
N LEU A 11 -11.49 3.19 13.33
CA LEU A 11 -11.83 2.59 14.61
C LEU A 11 -10.95 1.38 14.87
N SER A 12 -10.79 1.04 16.14
CA SER A 12 -10.00 -0.13 16.54
C SER A 12 -10.93 -0.98 17.39
N ALA A 13 -11.02 -2.26 17.07
CA ALA A 13 -11.88 -3.16 17.83
C ALA A 13 -11.12 -4.48 18.04
N SER A 14 -11.47 -5.19 19.10
CA SER A 14 -10.83 -6.46 19.42
C SER A 14 -11.43 -7.60 18.61
N VAL A 15 -10.64 -8.65 18.42
CA VAL A 15 -11.09 -9.83 17.69
C VAL A 15 -12.28 -10.38 18.48
N GLY A 16 -13.38 -10.66 17.79
CA GLY A 16 -14.56 -11.17 18.46
C GLY A 16 -15.60 -10.11 18.74
N ASP A 17 -15.20 -8.83 18.65
CA ASP A 17 -16.10 -7.71 18.89
C ASP A 17 -17.05 -7.46 17.72
N ARG A 18 -18.22 -6.92 18.03
CA ARG A 18 -19.17 -6.58 16.99
C ARG A 18 -18.82 -5.16 16.56
N VAL A 19 -18.63 -4.95 15.26
CA VAL A 19 -18.29 -3.63 14.76
C VAL A 19 -19.39 -3.07 13.88
N THR A 20 -19.71 -1.79 14.08
CA THR A 20 -20.75 -1.12 13.31
C THR A 20 -20.19 0.14 12.66
N ILE A 21 -20.38 0.24 11.35
CA ILE A 21 -19.92 1.39 10.57
C ILE A 21 -21.15 2.04 9.93
N THR A 22 -21.22 3.37 9.96
CA THR A 22 -22.37 4.05 9.38
C THR A 22 -22.05 4.83 8.13
N CYS A 23 -23.08 5.05 7.32
CA CYS A 23 -22.92 5.79 6.07
C CYS A 23 -24.20 6.58 5.89
N LYS A 24 -24.07 7.90 5.79
CA LYS A 24 -25.21 8.80 5.65
C LYS A 24 -25.27 9.40 4.25
N ALA A 25 -26.39 9.20 3.55
CA ALA A 25 -26.57 9.77 2.20
C ALA A 25 -27.18 11.16 2.34
N SER A 26 -26.68 12.11 1.56
CA SER A 26 -27.18 13.48 1.61
C SER A 26 -28.66 13.62 1.26
N GLN A 27 -29.22 12.57 0.65
CA GLN A 27 -30.64 12.53 0.31
C GLN A 27 -31.09 11.09 0.14
N ASP A 28 -32.40 10.87 0.18
CA ASP A 28 -32.97 9.53 0.06
C ASP A 28 -32.45 8.78 -1.17
N VAL A 29 -31.94 7.57 -0.95
CA VAL A 29 -31.44 6.73 -2.04
C VAL A 29 -32.05 5.34 -1.93
N SER A 30 -33.21 5.27 -1.27
CA SER A 30 -33.93 4.03 -1.04
C SER A 30 -32.99 2.91 -0.61
N ILE A 31 -32.82 1.87 -1.43
CA ILE A 31 -31.91 0.80 -1.04
C ILE A 31 -30.76 0.60 -2.04
N GLY A 32 -30.49 1.64 -2.83
CA GLY A 32 -29.43 1.55 -3.83
C GLY A 32 -28.05 1.84 -3.28
N VAL A 33 -27.65 1.05 -2.28
CA VAL A 33 -26.36 1.21 -1.64
C VAL A 33 -25.59 -0.10 -1.59
N ALA A 34 -24.28 -0.01 -1.81
CA ALA A 34 -23.43 -1.19 -1.76
C ALA A 34 -22.28 -0.92 -0.80
N TRP A 35 -21.67 -2.00 -0.31
CA TRP A 35 -20.51 -1.88 0.59
C TRP A 35 -19.36 -2.66 0.00
N TYR A 36 -18.15 -2.14 0.18
CA TYR A 36 -16.94 -2.77 -0.35
C TYR A 36 -15.87 -2.82 0.74
N GLN A 37 -14.96 -3.78 0.60
CA GLN A 37 -13.84 -3.97 1.53
C GLN A 37 -12.57 -3.86 0.71
N GLN A 38 -11.61 -3.05 1.15
CA GLN A 38 -10.36 -2.93 0.43
C GLN A 38 -9.17 -3.12 1.36
N LYS A 39 -8.45 -4.21 1.16
CA LYS A 39 -7.27 -4.51 1.97
C LYS A 39 -6.05 -3.86 1.32
N PRO A 40 -4.99 -3.61 2.09
CA PRO A 40 -3.77 -2.98 1.57
C PRO A 40 -3.22 -3.65 0.31
N GLY A 41 -2.99 -2.85 -0.73
CA GLY A 41 -2.46 -3.35 -1.96
C GLY A 41 -3.34 -4.30 -2.76
N LYS A 42 -4.60 -4.42 -2.36
CA LYS A 42 -5.53 -5.31 -3.05
C LYS A 42 -6.68 -4.49 -3.62
N ALA A 43 -7.38 -5.05 -4.60
CA ALA A 43 -8.51 -4.35 -5.21
C ALA A 43 -9.72 -4.54 -4.30
N PRO A 44 -10.63 -3.57 -4.31
CA PRO A 44 -11.85 -3.65 -3.48
C PRO A 44 -12.63 -4.92 -3.78
N LYS A 45 -13.43 -5.36 -2.83
CA LYS A 45 -14.26 -6.55 -3.01
C LYS A 45 -15.67 -6.18 -2.58
N LEU A 46 -16.66 -6.62 -3.34
CA LEU A 46 -18.05 -6.32 -3.03
C LEU A 46 -18.52 -7.16 -1.84
N LEU A 47 -19.12 -6.51 -0.86
CA LEU A 47 -19.60 -7.22 0.33
C LEU A 47 -21.12 -7.28 0.35
N ILE A 48 -21.74 -6.12 0.15
CA ILE A 48 -23.20 -5.99 0.21
C ILE A 48 -23.76 -5.16 -0.95
N TYR A 49 -24.95 -5.52 -1.42
CA TYR A 49 -25.61 -4.73 -2.46
C TYR A 49 -27.07 -4.62 -2.06
N SER A 50 -27.77 -3.66 -2.67
CA SER A 50 -29.17 -3.43 -2.32
C SER A 50 -29.32 -3.25 -0.82
N ALA A 51 -28.33 -2.59 -0.24
CA ALA A 51 -28.28 -2.27 1.18
C ALA A 51 -28.16 -3.44 2.17
N SER A 52 -28.89 -4.51 1.94
CA SER A 52 -28.88 -5.63 2.88
C SER A 52 -28.56 -7.02 2.32
N TYR A 53 -28.22 -7.11 1.05
CA TYR A 53 -27.90 -8.41 0.45
C TYR A 53 -26.41 -8.71 0.55
N ARG A 54 -26.05 -9.79 1.24
CA ARG A 54 -24.65 -10.19 1.32
C ARG A 54 -24.32 -10.83 -0.03
N TYR A 55 -23.22 -10.40 -0.66
CA TYR A 55 -22.84 -10.94 -1.95
C TYR A 55 -22.35 -12.39 -1.84
N THR A 56 -22.56 -13.16 -2.91
CA THR A 56 -22.17 -14.57 -2.97
C THR A 56 -20.73 -14.85 -2.54
N GLY A 57 -20.57 -15.73 -1.56
CA GLY A 57 -19.23 -16.09 -1.10
C GLY A 57 -18.62 -15.21 -0.02
N VAL A 58 -19.28 -14.11 0.33
CA VAL A 58 -18.77 -13.21 1.37
C VAL A 58 -18.98 -13.87 2.74
N PRO A 59 -18.00 -13.75 3.65
CA PRO A 59 -18.17 -14.36 4.98
C PRO A 59 -19.45 -13.91 5.66
N SER A 60 -20.11 -14.84 6.35
CA SER A 60 -21.37 -14.57 7.02
C SER A 60 -21.34 -13.46 8.06
N ARG A 61 -20.18 -13.15 8.61
CA ARG A 61 -20.10 -12.10 9.61
C ARG A 61 -20.38 -10.70 9.08
N PHE A 62 -20.43 -10.55 7.75
CA PHE A 62 -20.70 -9.25 7.13
C PHE A 62 -22.17 -9.08 6.78
N SER A 63 -22.77 -7.96 7.21
CA SER A 63 -24.17 -7.70 6.90
C SER A 63 -24.42 -6.20 6.82
N GLY A 64 -25.40 -5.82 6.01
CA GLY A 64 -25.73 -4.42 5.87
C GLY A 64 -27.19 -4.19 6.18
N SER A 65 -27.52 -3.00 6.64
CA SER A 65 -28.89 -2.67 6.95
C SER A 65 -29.15 -1.21 6.63
N GLY A 66 -30.41 -0.80 6.70
CA GLY A 66 -30.75 0.58 6.41
C GLY A 66 -31.44 0.78 5.08
N SER A 67 -31.99 1.98 4.92
CA SER A 67 -32.69 2.39 3.71
C SER A 67 -32.92 3.88 3.88
N GLY A 68 -33.16 4.57 2.77
CA GLY A 68 -33.39 6.01 2.86
C GLY A 68 -32.08 6.77 2.85
N THR A 69 -31.68 7.27 4.03
CA THR A 69 -30.44 8.01 4.14
C THR A 69 -29.45 7.42 5.13
N ASP A 70 -29.92 6.53 5.98
CA ASP A 70 -29.02 5.93 6.98
C ASP A 70 -28.72 4.47 6.73
N PHE A 71 -27.45 4.17 6.49
CA PHE A 71 -27.05 2.81 6.22
C PHE A 71 -25.98 2.35 7.20
N THR A 72 -25.92 1.04 7.43
CA THR A 72 -24.97 0.48 8.36
C THR A 72 -24.38 -0.83 7.87
N LEU A 73 -23.10 -1.03 8.13
CA LEU A 73 -22.40 -2.26 7.79
C LEU A 73 -22.00 -2.82 9.14
N THR A 74 -22.31 -4.10 9.37
CA THR A 74 -21.98 -4.73 10.64
C THR A 74 -21.11 -5.98 10.48
N ILE A 75 -20.05 -6.05 11.28
CA ILE A 75 -19.18 -7.21 11.28
C ILE A 75 -19.54 -7.83 12.64
N SER A 76 -20.23 -8.96 12.62
CA SER A 76 -20.69 -9.60 13.86
C SER A 76 -19.58 -10.00 14.83
N SER A 77 -18.46 -10.48 14.28
CA SER A 77 -17.32 -10.90 15.08
C SER A 77 -16.07 -10.59 14.28
N LEU A 78 -15.41 -9.49 14.63
CA LEU A 78 -14.21 -9.05 13.91
C LEU A 78 -13.08 -10.09 13.92
N GLN A 79 -12.46 -10.29 12.77
CA GLN A 79 -11.36 -11.25 12.67
C GLN A 79 -10.09 -10.52 12.25
N PRO A 80 -8.92 -11.05 12.63
CA PRO A 80 -7.63 -10.42 12.28
C PRO A 80 -7.51 -10.01 10.81
N GLU A 81 -8.06 -10.84 9.92
CA GLU A 81 -7.99 -10.58 8.48
C GLU A 81 -8.90 -9.45 8.02
N ASP A 82 -9.75 -8.95 8.92
CA ASP A 82 -10.68 -7.88 8.57
C ASP A 82 -10.09 -6.47 8.55
N PHE A 83 -8.79 -6.36 8.82
CA PHE A 83 -8.13 -5.06 8.79
C PHE A 83 -8.28 -4.58 7.35
N ALA A 84 -8.93 -3.43 7.17
CA ALA A 84 -9.14 -2.89 5.82
C ALA A 84 -9.87 -1.57 5.87
N THR A 85 -10.11 -1.00 4.69
CA THR A 85 -10.89 0.23 4.61
C THR A 85 -12.20 -0.21 4.00
N TYR A 86 -13.30 0.20 4.63
CA TYR A 86 -14.62 -0.17 4.17
C TYR A 86 -15.31 1.04 3.56
N TYR A 87 -15.86 0.87 2.36
CA TYR A 87 -16.52 1.94 1.63
C TYR A 87 -17.98 1.64 1.32
N CYS A 88 -18.82 2.66 1.41
CA CYS A 88 -20.21 2.49 1.00
C CYS A 88 -20.26 3.24 -0.33
N GLN A 89 -21.31 2.99 -1.11
CA GLN A 89 -21.48 3.64 -2.41
C GLN A 89 -22.96 3.67 -2.74
N GLN A 90 -23.43 4.76 -3.36
CA GLN A 90 -24.82 4.82 -3.78
C GLN A 90 -24.69 4.63 -5.30
N TYR A 91 -25.49 3.74 -5.87
CA TYR A 91 -25.35 3.44 -7.29
C TYR A 91 -26.51 3.67 -8.25
N TYR A 92 -27.53 4.39 -7.82
CA TYR A 92 -28.67 4.66 -8.72
C TYR A 92 -28.50 6.00 -9.43
N ILE A 93 -27.93 6.98 -8.72
CA ILE A 93 -27.78 8.31 -9.28
C ILE A 93 -26.36 8.69 -9.71
N TYR A 94 -26.20 8.94 -11.00
CA TYR A 94 -24.92 9.36 -11.58
C TYR A 94 -24.41 10.53 -10.75
N PRO A 95 -23.08 10.59 -10.49
CA PRO A 95 -21.98 9.71 -10.90
C PRO A 95 -21.61 8.52 -9.99
N TYR A 96 -22.61 7.90 -9.35
CA TYR A 96 -22.41 6.72 -8.52
C TYR A 96 -21.29 6.83 -7.48
N THR A 97 -21.41 7.84 -6.64
CA THR A 97 -20.43 8.17 -5.61
C THR A 97 -20.15 7.22 -4.45
N PHE A 98 -18.87 7.15 -4.07
CA PHE A 98 -18.42 6.31 -2.95
C PHE A 98 -18.20 7.17 -1.70
N GLY A 99 -18.31 6.55 -0.53
CA GLY A 99 -18.06 7.28 0.70
C GLY A 99 -16.55 7.41 0.83
N GLN A 100 -16.09 8.20 1.81
CA GLN A 100 -14.65 8.41 2.01
C GLN A 100 -13.96 7.20 2.62
N GLY A 101 -14.75 6.27 3.13
CA GLY A 101 -14.19 5.06 3.72
C GLY A 101 -13.93 5.13 5.22
N THR A 102 -13.99 3.97 5.87
CA THR A 102 -13.73 3.84 7.29
C THR A 102 -12.61 2.82 7.47
N LYS A 103 -11.54 3.22 8.15
CA LYS A 103 -10.40 2.34 8.39
C LYS A 103 -10.64 1.52 9.64
N VAL A 104 -10.58 0.20 9.50
CA VAL A 104 -10.79 -0.68 10.65
C VAL A 104 -9.47 -1.37 11.00
N GLU A 105 -9.07 -1.25 12.26
CA GLU A 105 -7.84 -1.87 12.75
C GLU A 105 -8.20 -2.80 13.91
N ILE A 106 -7.42 -3.85 14.08
CA ILE A 106 -7.67 -4.80 15.17
C ILE A 106 -6.90 -4.44 16.44
N LYS A 107 -7.63 -4.33 17.55
CA LYS A 107 -7.00 -4.02 18.82
C LYS A 107 -6.55 -5.35 19.43
N ARG A 108 -5.26 -5.47 19.69
CA ARG A 108 -4.71 -6.69 20.27
C ARG A 108 -3.90 -6.35 21.52
N THR A 109 -3.37 -7.38 22.15
CA THR A 109 -2.56 -7.20 23.34
C THR A 109 -1.34 -6.36 23.00
N VAL A 110 -0.92 -5.50 23.92
CA VAL A 110 0.24 -4.66 23.68
C VAL A 110 1.48 -5.54 23.48
N ALA A 111 2.29 -5.16 22.50
CA ALA A 111 3.51 -5.89 22.18
C ALA A 111 4.59 -4.84 21.93
N ALA A 112 5.67 -4.92 22.70
CA ALA A 112 6.75 -3.96 22.54
C ALA A 112 7.53 -4.31 21.29
N PRO A 113 8.10 -3.30 20.62
CA PRO A 113 8.87 -3.58 19.41
C PRO A 113 10.27 -4.07 19.72
N SER A 114 10.80 -4.88 18.83
CA SER A 114 12.18 -5.34 18.97
C SER A 114 12.88 -4.25 18.14
N VAL A 115 13.98 -3.71 18.64
CA VAL A 115 14.67 -2.61 17.96
C VAL A 115 16.03 -3.03 17.40
N PHE A 116 16.23 -2.73 16.12
CA PHE A 116 17.47 -3.09 15.41
C PHE A 116 18.02 -1.84 14.70
N ILE A 117 19.34 -1.73 14.62
CA ILE A 117 19.92 -0.58 13.92
C ILE A 117 20.94 -1.04 12.88
N PHE A 118 21.00 -0.32 11.77
CA PHE A 118 21.90 -0.64 10.66
C PHE A 118 22.73 0.56 10.24
N PRO A 119 24.06 0.44 10.31
CA PRO A 119 24.90 1.57 9.91
C PRO A 119 24.91 1.67 8.39
N PRO A 120 25.35 2.81 7.84
CA PRO A 120 25.38 2.92 6.38
C PRO A 120 26.42 1.97 5.81
N SER A 121 26.15 1.49 4.60
CA SER A 121 27.09 0.58 3.94
C SER A 121 28.24 1.38 3.35
N ASP A 122 29.39 0.73 3.20
CA ASP A 122 30.55 1.40 2.63
C ASP A 122 30.22 1.76 1.18
N GLU A 123 29.35 0.96 0.57
CA GLU A 123 28.94 1.20 -0.82
C GLU A 123 28.22 2.55 -0.95
N GLN A 124 27.24 2.80 -0.08
CA GLN A 124 26.52 4.05 -0.15
C GLN A 124 27.45 5.22 0.11
N LEU A 125 28.38 5.05 1.05
CA LEU A 125 29.32 6.13 1.36
C LEU A 125 30.04 6.59 0.10
N LYS A 126 30.51 5.66 -0.72
CA LYS A 126 31.22 6.04 -1.94
C LYS A 126 30.24 6.61 -2.96
N SER A 127 29.01 6.83 -2.52
CA SER A 127 27.99 7.42 -3.37
C SER A 127 27.72 8.84 -2.90
N GLY A 128 28.40 9.23 -1.82
CA GLY A 128 28.25 10.57 -1.28
C GLY A 128 27.25 10.78 -0.15
N THR A 129 26.53 9.73 0.23
CA THR A 129 25.55 9.87 1.29
C THR A 129 25.58 8.71 2.28
N ALA A 130 24.97 8.92 3.45
CA ALA A 130 24.92 7.90 4.49
C ALA A 130 23.52 7.82 5.05
N SER A 131 22.91 6.63 4.92
CA SER A 131 21.57 6.42 5.47
C SER A 131 21.69 5.45 6.63
N VAL A 132 21.20 5.86 7.79
CA VAL A 132 21.23 5.00 8.98
C VAL A 132 19.78 4.55 9.16
N VAL A 133 19.58 3.25 9.36
CA VAL A 133 18.22 2.71 9.50
C VAL A 133 17.99 2.07 10.86
N CYS A 134 16.82 2.38 11.42
CA CYS A 134 16.39 1.86 12.72
C CYS A 134 15.09 1.14 12.44
N LEU A 135 15.03 -0.12 12.83
CA LEU A 135 13.85 -0.94 12.62
C LEU A 135 13.15 -1.28 13.93
N LEU A 136 11.84 -1.04 13.97
CA LEU A 136 11.00 -1.37 15.13
C LEU A 136 10.15 -2.52 14.59
N ASN A 137 10.33 -3.71 15.13
CA ASN A 137 9.60 -4.85 14.58
C ASN A 137 8.49 -5.48 15.41
N ASN A 138 7.41 -5.82 14.70
CA ASN A 138 6.23 -6.48 15.27
C ASN A 138 5.73 -5.94 16.62
N PHE A 139 5.16 -4.75 16.57
CA PHE A 139 4.64 -4.12 17.78
C PHE A 139 3.18 -3.71 17.66
N TYR A 140 2.60 -3.32 18.80
CA TYR A 140 1.23 -2.84 18.88
C TYR A 140 1.06 -2.17 20.24
N PRO A 141 0.36 -1.01 20.28
CA PRO A 141 -0.28 -0.30 19.17
C PRO A 141 0.68 0.32 18.15
N ARG A 142 0.10 0.90 17.11
CA ARG A 142 0.86 1.52 16.02
C ARG A 142 1.68 2.75 16.46
N GLU A 143 1.15 3.49 17.42
CA GLU A 143 1.84 4.68 17.90
C GLU A 143 3.19 4.34 18.51
N ALA A 144 4.23 4.96 17.99
CA ALA A 144 5.59 4.76 18.46
C ALA A 144 6.35 6.00 18.05
N LYS A 145 7.34 6.37 18.86
CA LYS A 145 8.14 7.54 18.55
C LYS A 145 9.59 7.13 18.39
N VAL A 146 10.21 7.63 17.33
CA VAL A 146 11.61 7.36 17.07
C VAL A 146 12.32 8.69 17.00
N GLN A 147 13.36 8.85 17.81
CA GLN A 147 14.12 10.09 17.82
C GLN A 147 15.58 9.74 17.52
N TRP A 148 16.15 10.45 16.56
CA TRP A 148 17.54 10.23 16.18
C TRP A 148 18.43 11.20 16.91
N LYS A 149 19.60 10.72 17.34
CA LYS A 149 20.58 11.55 18.02
C LYS A 149 21.97 11.29 17.46
N VAL A 150 22.66 12.37 17.08
CA VAL A 150 24.02 12.28 16.55
C VAL A 150 24.91 12.99 17.57
N ASP A 151 25.76 12.21 18.24
CA ASP A 151 26.62 12.73 19.29
C ASP A 151 25.76 13.47 20.32
N ASN A 152 24.61 12.85 20.63
CA ASN A 152 23.65 13.36 21.60
C ASN A 152 22.79 14.54 21.16
N ALA A 153 22.96 15.00 19.92
CA ALA A 153 22.16 16.11 19.42
C ALA A 153 20.90 15.57 18.74
N LEU A 154 19.74 16.06 19.15
CA LEU A 154 18.48 15.63 18.55
C LEU A 154 18.38 16.10 17.12
N GLN A 155 18.04 15.18 16.22
CA GLN A 155 17.93 15.49 14.80
C GLN A 155 16.51 15.90 14.43
N SER A 156 16.39 16.73 13.39
CA SER A 156 15.10 17.17 12.91
C SER A 156 15.18 17.50 11.43
N GLY A 157 14.18 17.09 10.67
CA GLY A 157 14.14 17.38 9.25
C GLY A 157 15.03 16.53 8.34
N ASN A 158 15.78 15.59 8.90
CA ASN A 158 16.65 14.76 8.08
C ASN A 158 16.37 13.26 8.20
N SER A 159 15.15 12.92 8.58
CA SER A 159 14.76 11.52 8.69
C SER A 159 13.33 11.33 8.17
N GLN A 160 13.00 10.10 7.78
CA GLN A 160 11.67 9.79 7.30
C GLN A 160 11.34 8.38 7.79
N GLU A 161 10.07 8.12 8.03
CA GLU A 161 9.72 6.79 8.49
C GLU A 161 8.56 6.23 7.70
N SER A 162 8.48 4.91 7.72
CA SER A 162 7.43 4.20 7.02
C SER A 162 6.92 3.11 7.96
N VAL A 163 5.61 2.91 7.94
CA VAL A 163 4.99 1.90 8.79
C VAL A 163 4.28 0.92 7.88
N THR A 164 4.41 -0.37 8.20
CA THR A 164 3.75 -1.40 7.42
C THR A 164 2.27 -1.39 7.78
N GLU A 165 1.45 -1.97 6.90
CA GLU A 165 0.03 -2.05 7.17
C GLU A 165 -0.09 -3.13 8.23
N GLN A 166 -1.16 -3.10 9.01
CA GLN A 166 -1.33 -4.10 10.08
C GLN A 166 -1.31 -5.53 9.55
N ASP A 167 -0.51 -6.38 10.21
CA ASP A 167 -0.37 -7.78 9.82
C ASP A 167 -1.73 -8.50 9.95
N SER A 168 -2.16 -9.15 8.87
CA SER A 168 -3.44 -9.84 8.86
C SER A 168 -3.45 -11.12 9.67
N LYS A 169 -2.28 -11.55 10.15
CA LYS A 169 -2.20 -12.78 10.92
C LYS A 169 -1.99 -12.59 12.43
N ASP A 170 -1.18 -11.61 12.82
CA ASP A 170 -0.98 -11.38 14.25
C ASP A 170 -1.24 -9.93 14.67
N SER A 171 -1.81 -9.14 13.76
CA SER A 171 -2.19 -7.75 14.03
C SER A 171 -1.11 -6.80 14.55
N THR A 172 0.15 -7.08 14.22
CA THR A 172 1.23 -6.21 14.65
C THR A 172 1.67 -5.29 13.52
N TYR A 173 2.49 -4.32 13.87
CA TYR A 173 3.05 -3.37 12.90
C TYR A 173 4.57 -3.40 13.00
N SER A 174 5.22 -2.87 11.99
CA SER A 174 6.67 -2.75 11.96
C SER A 174 6.91 -1.36 11.40
N LEU A 175 8.03 -0.76 11.75
CA LEU A 175 8.32 0.57 11.30
C LEU A 175 9.80 0.74 11.00
N SER A 176 10.09 1.52 9.96
CA SER A 176 11.46 1.80 9.58
C SER A 176 11.63 3.32 9.64
N SER A 177 12.74 3.77 10.20
CA SER A 177 13.03 5.19 10.27
C SER A 177 14.40 5.32 9.65
N THR A 178 14.52 6.21 8.66
CA THR A 178 15.78 6.39 7.98
C THR A 178 16.35 7.79 8.15
N LEU A 179 17.56 7.85 8.69
CA LEU A 179 18.27 9.11 8.88
C LEU A 179 19.24 9.23 7.72
N THR A 180 19.17 10.32 6.96
CA THR A 180 20.06 10.48 5.83
C THR A 180 20.90 11.74 5.90
N LEU A 181 22.21 11.56 5.78
CA LEU A 181 23.15 12.67 5.82
C LEU A 181 24.12 12.52 4.67
N SER A 182 24.79 13.62 4.31
CA SER A 182 25.79 13.56 3.24
C SER A 182 26.99 12.87 3.88
N LYS A 183 27.86 12.29 3.05
CA LYS A 183 29.03 11.61 3.57
C LYS A 183 29.87 12.56 4.44
N ALA A 184 30.02 13.79 3.98
CA ALA A 184 30.82 14.78 4.71
C ALA A 184 30.29 14.98 6.14
N ASP A 185 28.99 15.22 6.26
CA ASP A 185 28.38 15.42 7.57
C ASP A 185 28.48 14.17 8.45
N TYR A 186 28.24 13.01 7.85
CA TYR A 186 28.29 11.75 8.58
C TYR A 186 29.67 11.53 9.21
N GLU A 187 30.73 11.83 8.46
CA GLU A 187 32.09 11.62 8.95
C GLU A 187 32.56 12.65 9.99
N LYS A 188 31.73 13.65 10.25
CA LYS A 188 32.08 14.67 11.23
C LYS A 188 31.52 14.33 12.61
N HIS A 189 30.88 13.18 12.71
CA HIS A 189 30.30 12.76 13.99
C HIS A 189 30.64 11.31 14.32
N LYS A 190 30.49 10.95 15.59
CA LYS A 190 30.82 9.61 16.06
C LYS A 190 29.64 8.71 16.42
N VAL A 191 28.89 9.08 17.44
CA VAL A 191 27.77 8.26 17.91
C VAL A 191 26.44 8.52 17.20
N TYR A 192 25.88 7.45 16.64
CA TYR A 192 24.59 7.53 15.96
C TYR A 192 23.62 6.61 16.70
N ALA A 193 22.51 7.17 17.16
CA ALA A 193 21.56 6.37 17.91
C ALA A 193 20.10 6.72 17.66
N CYS A 194 19.24 5.71 17.79
CA CYS A 194 17.80 5.95 17.66
C CYS A 194 17.20 5.55 18.99
N GLU A 195 16.40 6.45 19.55
CA GLU A 195 15.73 6.20 20.82
C GLU A 195 14.28 5.90 20.50
N VAL A 196 13.78 4.80 21.04
CA VAL A 196 12.40 4.40 20.77
C VAL A 196 11.52 4.39 22.02
N THR A 197 10.36 5.03 21.93
CA THR A 197 9.40 5.04 23.03
C THR A 197 8.15 4.37 22.49
N HIS A 198 7.52 3.56 23.32
CA HIS A 198 6.31 2.82 22.93
C HIS A 198 5.61 2.38 24.20
N GLN A 199 4.30 2.19 24.12
CA GLN A 199 3.49 1.77 25.25
C GLN A 199 3.99 0.47 25.90
N GLY A 200 4.54 -0.41 25.07
CA GLY A 200 5.04 -1.69 25.56
C GLY A 200 6.41 -1.63 26.21
N LEU A 201 7.06 -0.47 26.14
CA LEU A 201 8.39 -0.28 26.74
C LEU A 201 8.29 0.57 28.00
N SER A 202 8.69 -0.02 29.13
CA SER A 202 8.65 0.67 30.42
C SER A 202 9.54 1.91 30.41
N SER A 203 10.57 1.90 29.56
CA SER A 203 11.49 3.01 29.44
C SER A 203 12.00 3.05 28.01
N PRO A 204 12.35 4.25 27.51
CA PRO A 204 12.85 4.33 26.14
C PRO A 204 14.01 3.39 25.87
N VAL A 205 14.06 2.86 24.66
CA VAL A 205 15.14 1.97 24.26
C VAL A 205 16.02 2.69 23.26
N THR A 206 17.33 2.62 23.47
CA THR A 206 18.28 3.25 22.57
C THR A 206 19.25 2.26 21.96
N LYS A 207 19.36 2.31 20.63
CA LYS A 207 20.29 1.45 19.89
C LYS A 207 21.24 2.43 19.22
N SER A 208 22.54 2.16 19.34
CA SER A 208 23.54 3.05 18.76
C SER A 208 24.82 2.33 18.34
N PHE A 209 25.70 3.07 17.67
CA PHE A 209 26.98 2.55 17.23
C PHE A 209 27.94 3.71 16.99
N ASN A 210 29.23 3.38 16.92
CA ASN A 210 30.26 4.38 16.67
C ASN A 210 30.72 4.23 15.23
N ARG A 211 30.59 5.31 14.46
CA ARG A 211 30.98 5.32 13.04
C ARG A 211 32.34 4.69 12.78
N GLY A 212 33.35 5.12 13.53
CA GLY A 212 34.69 4.59 13.33
C GLY A 212 34.81 3.09 13.53
N GLU A 213 33.87 2.51 14.28
CA GLU A 213 33.89 1.07 14.56
C GLU A 213 32.92 0.28 13.69
N CYS A 214 32.28 0.96 12.75
CA CYS A 214 31.32 0.31 11.86
C CYS A 214 31.55 0.73 10.41
N GLU B 1 -12.58 -19.97 -13.23
CA GLU B 1 -12.48 -18.82 -12.29
C GLU B 1 -12.60 -17.49 -13.04
N VAL B 2 -13.00 -16.45 -12.31
CA VAL B 2 -13.15 -15.11 -12.89
C VAL B 2 -11.90 -14.27 -12.65
N GLN B 3 -11.42 -13.62 -13.70
CA GLN B 3 -10.25 -12.77 -13.56
C GLN B 3 -10.28 -11.57 -14.49
N LEU B 4 -9.73 -10.47 -14.01
CA LEU B 4 -9.64 -9.22 -14.75
C LEU B 4 -8.20 -8.78 -14.56
N VAL B 5 -7.46 -8.68 -15.66
CA VAL B 5 -6.06 -8.28 -15.59
C VAL B 5 -5.83 -6.98 -16.32
N GLU B 6 -5.39 -5.95 -15.59
CA GLU B 6 -5.13 -4.66 -16.20
C GLU B 6 -3.65 -4.56 -16.53
N SER B 7 -3.34 -3.71 -17.49
CA SER B 7 -1.97 -3.50 -17.91
C SER B 7 -1.93 -2.19 -18.70
N GLY B 8 -0.73 -1.67 -18.90
CA GLY B 8 -0.59 -0.44 -19.66
C GLY B 8 -0.26 0.77 -18.81
N GLY B 9 -0.38 0.64 -17.49
CA GLY B 9 -0.09 1.76 -16.62
C GLY B 9 1.39 2.12 -16.68
N GLY B 10 1.72 3.32 -16.24
CA GLY B 10 3.12 3.73 -16.25
C GLY B 10 3.29 5.22 -16.07
N LEU B 11 4.50 5.70 -16.32
CA LEU B 11 4.81 7.11 -16.19
C LEU B 11 4.61 7.82 -17.52
N VAL B 12 4.01 9.01 -17.46
CA VAL B 12 3.75 9.82 -18.65
C VAL B 12 3.83 11.27 -18.20
N GLN B 13 4.28 12.16 -19.07
CA GLN B 13 4.40 13.56 -18.71
C GLN B 13 3.03 14.24 -18.76
N PRO B 14 2.90 15.40 -18.10
CA PRO B 14 1.63 16.12 -18.11
C PRO B 14 1.30 16.37 -19.58
N GLY B 15 0.06 16.13 -19.99
CA GLY B 15 -0.31 16.33 -21.37
C GLY B 15 0.04 15.13 -22.23
N GLY B 16 0.57 14.09 -21.60
CA GLY B 16 0.94 12.89 -22.32
C GLY B 16 -0.24 11.98 -22.56
N SER B 17 0.01 10.83 -23.18
CA SER B 17 -1.06 9.88 -23.47
C SER B 17 -0.73 8.47 -23.02
N LEU B 18 -1.77 7.68 -22.78
CA LEU B 18 -1.57 6.30 -22.34
C LEU B 18 -2.81 5.47 -22.63
N ARG B 19 -2.62 4.17 -22.85
CA ARG B 19 -3.75 3.29 -23.10
C ARG B 19 -3.71 2.12 -22.12
N LEU B 20 -4.77 1.97 -21.34
CA LEU B 20 -4.85 0.88 -20.37
C LEU B 20 -5.69 -0.22 -20.98
N SER B 21 -5.34 -1.47 -20.67
CA SER B 21 -6.09 -2.60 -21.20
C SER B 21 -6.59 -3.50 -20.08
N CYS B 22 -7.75 -4.12 -20.29
CA CYS B 22 -8.31 -5.02 -19.30
C CYS B 22 -8.72 -6.32 -19.97
N ALA B 23 -7.97 -7.38 -19.70
CA ALA B 23 -8.26 -8.68 -20.28
C ALA B 23 -9.18 -9.48 -19.36
N ALA B 24 -10.40 -9.74 -19.84
CA ALA B 24 -11.38 -10.49 -19.05
C ALA B 24 -11.40 -11.97 -19.41
N SER B 25 -11.77 -12.80 -18.44
CA SER B 25 -11.83 -14.24 -18.64
C SER B 25 -12.57 -14.92 -17.50
N GLY B 26 -13.15 -16.09 -17.77
CA GLY B 26 -13.87 -16.82 -16.75
C GLY B 26 -15.36 -16.52 -16.70
N PHE B 27 -15.87 -15.81 -17.69
CA PHE B 27 -17.29 -15.48 -17.75
C PHE B 27 -17.63 -14.94 -19.13
N THR B 28 -18.92 -14.94 -19.46
CA THR B 28 -19.37 -14.45 -20.76
C THR B 28 -19.24 -12.94 -20.81
N PHE B 29 -18.05 -12.49 -21.22
CA PHE B 29 -17.73 -11.07 -21.32
C PHE B 29 -18.88 -10.17 -21.77
N THR B 30 -19.59 -10.59 -22.81
CA THR B 30 -20.69 -9.81 -23.37
C THR B 30 -22.02 -9.83 -22.59
N ASP B 31 -22.07 -10.57 -21.49
CA ASP B 31 -23.30 -10.64 -20.70
C ASP B 31 -23.36 -9.53 -19.65
N TYR B 32 -22.29 -8.76 -19.54
CA TYR B 32 -22.22 -7.67 -18.56
C TYR B 32 -21.68 -6.40 -19.20
N THR B 33 -21.58 -5.35 -18.38
CA THR B 33 -21.03 -4.08 -18.83
C THR B 33 -19.75 -3.97 -18.00
N MET B 34 -18.75 -3.24 -18.50
CA MET B 34 -17.48 -3.11 -17.81
C MET B 34 -17.18 -1.65 -17.45
N ASP B 35 -16.51 -1.47 -16.31
CA ASP B 35 -16.19 -0.11 -15.85
C ASP B 35 -14.74 0.07 -15.44
N TRP B 36 -14.40 1.33 -15.20
CA TRP B 36 -13.09 1.70 -14.72
C TRP B 36 -13.35 2.58 -13.53
N VAL B 37 -12.68 2.30 -12.42
CA VAL B 37 -12.81 3.09 -11.21
C VAL B 37 -11.38 3.42 -10.81
N ARG B 38 -11.13 4.64 -10.35
CA ARG B 38 -9.76 4.98 -9.97
C ARG B 38 -9.62 5.42 -8.52
N GLN B 39 -8.38 5.40 -8.06
CA GLN B 39 -8.07 5.78 -6.69
C GLN B 39 -6.71 6.48 -6.64
N ALA B 40 -6.73 7.78 -6.42
CA ALA B 40 -5.49 8.54 -6.33
C ALA B 40 -4.80 8.15 -5.02
N PRO B 41 -3.46 8.20 -4.97
CA PRO B 41 -2.68 7.85 -3.79
C PRO B 41 -3.25 8.35 -2.46
N GLY B 42 -3.54 7.40 -1.56
CA GLY B 42 -4.08 7.73 -0.26
C GLY B 42 -5.45 8.40 -0.27
N LYS B 43 -6.18 8.26 -1.37
CA LYS B 43 -7.50 8.87 -1.46
C LYS B 43 -8.60 7.81 -1.59
N GLY B 44 -9.83 8.27 -1.85
CA GLY B 44 -10.95 7.36 -1.99
C GLY B 44 -11.15 6.85 -3.40
N LEU B 45 -12.34 6.31 -3.66
CA LEU B 45 -12.65 5.75 -4.98
C LEU B 45 -13.51 6.67 -5.82
N GLU B 46 -13.22 6.70 -7.12
CA GLU B 46 -13.96 7.55 -8.05
C GLU B 46 -14.32 6.80 -9.33
N TRP B 47 -15.60 6.69 -9.62
CA TRP B 47 -16.05 6.00 -10.83
C TRP B 47 -15.58 6.80 -12.05
N VAL B 48 -15.07 6.10 -13.05
CA VAL B 48 -14.58 6.74 -14.26
C VAL B 48 -15.52 6.62 -15.46
N ALA B 49 -15.87 5.39 -15.83
CA ALA B 49 -16.75 5.18 -16.98
C ALA B 49 -17.24 3.74 -17.10
N ASP B 50 -18.28 3.56 -17.90
CA ASP B 50 -18.89 2.25 -18.12
C ASP B 50 -19.04 2.03 -19.63
N VAL B 51 -18.90 0.79 -20.09
CA VAL B 51 -19.08 0.48 -21.49
C VAL B 51 -19.78 -0.86 -21.69
N ASN B 52 -20.73 -0.89 -22.63
CA ASN B 52 -21.47 -2.11 -22.95
C ASN B 52 -20.78 -2.79 -24.13
N PRO B 53 -20.14 -3.95 -23.90
CA PRO B 53 -19.44 -4.72 -24.93
C PRO B 53 -20.29 -5.27 -26.08
N ASN B 54 -21.60 -5.08 -26.00
CA ASN B 54 -22.48 -5.57 -27.06
C ASN B 54 -22.79 -4.48 -28.08
N SER B 55 -22.97 -3.25 -27.60
CA SER B 55 -23.27 -2.12 -28.46
C SER B 55 -22.11 -1.14 -28.58
N GLY B 56 -21.18 -1.22 -27.62
CA GLY B 56 -20.04 -0.33 -27.65
C GLY B 56 -20.39 1.01 -27.05
N GLY B 57 -21.62 1.14 -26.56
CA GLY B 57 -22.05 2.39 -25.95
C GLY B 57 -21.37 2.58 -24.62
N SER B 58 -20.97 3.82 -24.32
CA SER B 58 -20.29 4.10 -23.06
C SER B 58 -20.78 5.36 -22.36
N ILE B 59 -20.71 5.33 -21.03
CA ILE B 59 -21.13 6.45 -20.19
C ILE B 59 -19.89 6.89 -19.42
N TYR B 60 -19.61 8.18 -19.42
CA TYR B 60 -18.45 8.70 -18.73
C TYR B 60 -18.79 9.60 -17.56
N ASN B 61 -17.83 9.75 -16.64
CA ASN B 61 -18.00 10.63 -15.52
C ASN B 61 -17.64 12.01 -16.08
N GLN B 62 -18.46 12.99 -15.74
CA GLN B 62 -18.31 14.37 -16.20
C GLN B 62 -16.92 14.86 -16.62
N ARG B 63 -16.06 15.14 -15.64
CA ARG B 63 -14.73 15.68 -15.92
C ARG B 63 -13.76 14.85 -16.77
N PHE B 64 -14.14 13.64 -17.15
CA PHE B 64 -13.25 12.81 -17.95
C PHE B 64 -13.58 12.87 -19.43
N LYS B 65 -14.74 13.45 -19.74
CA LYS B 65 -15.17 13.59 -21.12
C LYS B 65 -14.21 14.51 -21.85
N GLY B 66 -13.67 14.04 -22.95
CA GLY B 66 -12.73 14.83 -23.71
C GLY B 66 -11.33 14.26 -23.68
N ARG B 67 -10.98 13.56 -22.60
CA ARG B 67 -9.63 12.99 -22.54
C ARG B 67 -9.56 11.50 -22.29
N PHE B 68 -10.70 10.89 -21.94
CA PHE B 68 -10.76 9.45 -21.70
C PHE B 68 -11.72 8.85 -22.71
N THR B 69 -11.33 7.76 -23.35
CA THR B 69 -12.18 7.08 -24.33
C THR B 69 -12.19 5.59 -24.09
N LEU B 70 -13.39 5.04 -23.89
CA LEU B 70 -13.56 3.61 -23.66
C LEU B 70 -13.86 2.88 -24.96
N SER B 71 -13.31 1.68 -25.10
CA SER B 71 -13.51 0.85 -26.28
C SER B 71 -13.38 -0.60 -25.84
N VAL B 72 -13.80 -1.52 -26.70
CA VAL B 72 -13.73 -2.93 -26.36
C VAL B 72 -13.55 -3.81 -27.58
N ASP B 73 -12.82 -4.90 -27.40
CA ASP B 73 -12.56 -5.87 -28.46
C ASP B 73 -13.29 -7.15 -28.07
N ARG B 74 -14.51 -7.32 -28.58
CA ARG B 74 -15.30 -8.50 -28.24
C ARG B 74 -14.76 -9.80 -28.84
N SER B 75 -13.49 -9.79 -29.26
CA SER B 75 -12.85 -10.96 -29.84
C SER B 75 -11.73 -11.45 -28.93
N LYS B 76 -11.38 -10.64 -27.93
CA LYS B 76 -10.34 -11.00 -26.98
C LYS B 76 -10.81 -10.81 -25.55
N ASN B 77 -12.05 -10.36 -25.39
CA ASN B 77 -12.58 -10.10 -24.05
C ASN B 77 -11.72 -9.04 -23.38
N THR B 78 -11.36 -8.01 -24.13
CA THR B 78 -10.54 -6.95 -23.59
C THR B 78 -11.21 -5.58 -23.68
N LEU B 79 -10.94 -4.76 -22.68
CA LEU B 79 -11.49 -3.41 -22.59
C LEU B 79 -10.30 -2.46 -22.65
N TYR B 80 -10.52 -1.26 -23.19
CA TYR B 80 -9.44 -0.30 -23.27
C TYR B 80 -9.86 1.09 -22.81
N LEU B 81 -8.95 1.77 -22.13
CA LEU B 81 -9.19 3.13 -21.68
C LEU B 81 -8.09 3.98 -22.29
N GLN B 82 -8.42 4.74 -23.32
CA GLN B 82 -7.44 5.60 -23.98
C GLN B 82 -7.44 6.92 -23.23
N MET B 83 -6.26 7.38 -22.85
CA MET B 83 -6.14 8.62 -22.10
C MET B 83 -5.24 9.63 -22.79
N ASN B 84 -5.72 10.86 -22.94
CA ASN B 84 -4.93 11.93 -23.55
C ASN B 84 -5.01 13.19 -22.68
N SER B 85 -4.12 14.14 -22.94
CA SER B 85 -4.11 15.40 -22.18
C SER B 85 -4.10 15.13 -20.67
N LEU B 86 -3.32 14.14 -20.25
CA LEU B 86 -3.26 13.78 -18.84
C LEU B 86 -2.80 14.91 -17.92
N ARG B 87 -3.46 15.01 -16.77
CA ARG B 87 -3.14 16.04 -15.78
C ARG B 87 -2.53 15.37 -14.56
N ALA B 88 -1.80 16.14 -13.77
CA ALA B 88 -1.18 15.62 -12.56
C ALA B 88 -2.23 14.96 -11.68
N GLU B 89 -3.43 15.52 -11.68
CA GLU B 89 -4.53 15.01 -10.88
C GLU B 89 -5.03 13.63 -11.34
N ASP B 90 -4.56 13.18 -12.50
CA ASP B 90 -4.96 11.89 -13.04
C ASP B 90 -4.09 10.75 -12.53
N THR B 91 -3.08 11.09 -11.73
CA THR B 91 -2.19 10.09 -11.15
C THR B 91 -3.05 9.25 -10.22
N ALA B 92 -3.10 7.94 -10.46
CA ALA B 92 -3.89 7.04 -9.65
C ALA B 92 -3.79 5.59 -10.11
N VAL B 93 -4.36 4.69 -9.31
CA VAL B 93 -4.43 3.28 -9.65
C VAL B 93 -5.79 3.15 -10.32
N TYR B 94 -5.81 2.62 -11.53
CA TYR B 94 -7.07 2.45 -12.26
C TYR B 94 -7.49 0.99 -12.24
N TYR B 95 -8.69 0.75 -11.71
CA TYR B 95 -9.22 -0.59 -11.62
C TYR B 95 -10.25 -0.88 -12.69
N CYS B 96 -10.22 -2.12 -13.18
CA CYS B 96 -11.18 -2.59 -14.14
C CYS B 96 -12.14 -3.34 -13.23
N ALA B 97 -13.43 -3.24 -13.50
CA ALA B 97 -14.42 -3.92 -12.67
C ALA B 97 -15.62 -4.38 -13.50
N ARG B 98 -16.17 -5.53 -13.14
CA ARG B 98 -17.35 -6.07 -13.84
C ARG B 98 -18.63 -5.49 -13.22
N ASN B 99 -19.58 -5.17 -14.08
CA ASN B 99 -20.88 -4.62 -13.67
C ASN B 99 -21.96 -5.62 -14.11
N LEU B 100 -22.38 -6.45 -13.18
CA LEU B 100 -23.39 -7.49 -13.43
C LEU B 100 -24.82 -6.96 -13.59
N GLY B 101 -25.43 -6.59 -12.47
CA GLY B 101 -26.78 -6.07 -12.50
C GLY B 101 -26.90 -4.81 -13.34
N PRO B 102 -28.14 -4.34 -13.54
CA PRO B 102 -28.34 -3.14 -14.34
C PRO B 102 -27.80 -1.93 -13.59
N SER B 103 -27.77 -2.04 -12.26
CA SER B 103 -27.29 -0.96 -11.41
C SER B 103 -25.78 -0.79 -11.51
N PHE B 104 -25.26 0.26 -10.88
CA PHE B 104 -23.83 0.52 -10.94
C PHE B 104 -22.96 0.13 -9.75
N TYR B 105 -23.07 -1.12 -9.32
CA TYR B 105 -22.22 -1.63 -8.26
C TYR B 105 -21.43 -2.76 -8.95
N PHE B 106 -20.16 -2.88 -8.59
CA PHE B 106 -19.28 -3.84 -9.25
C PHE B 106 -18.91 -5.05 -8.42
N ASP B 107 -19.21 -6.25 -8.93
CA ASP B 107 -18.95 -7.48 -8.18
C ASP B 107 -17.56 -8.10 -8.29
N TYR B 108 -16.75 -7.62 -9.22
CA TYR B 108 -15.39 -8.15 -9.36
C TYR B 108 -14.48 -7.06 -9.89
N TRP B 109 -13.31 -6.93 -9.27
CA TRP B 109 -12.32 -5.92 -9.63
C TRP B 109 -10.96 -6.54 -9.94
N GLY B 110 -10.25 -5.93 -10.88
CA GLY B 110 -8.92 -6.41 -11.22
C GLY B 110 -7.98 -5.85 -10.17
N GLN B 111 -6.69 -6.16 -10.26
CA GLN B 111 -5.72 -5.66 -9.27
C GLN B 111 -5.37 -4.19 -9.49
N GLY B 112 -5.75 -3.66 -10.64
CA GLY B 112 -5.46 -2.27 -10.95
C GLY B 112 -4.10 -2.06 -11.57
N THR B 113 -3.90 -0.90 -12.18
CA THR B 113 -2.64 -0.55 -12.81
C THR B 113 -2.34 0.90 -12.43
N LEU B 114 -1.10 1.18 -12.07
CA LEU B 114 -0.71 2.51 -11.66
C LEU B 114 -0.34 3.45 -12.81
N VAL B 115 -0.97 4.62 -12.81
CA VAL B 115 -0.68 5.66 -13.80
C VAL B 115 -0.09 6.82 -13.02
N THR B 116 1.11 7.25 -13.42
CA THR B 116 1.79 8.36 -12.77
C THR B 116 1.99 9.47 -13.80
N VAL B 117 1.43 10.64 -13.53
CA VAL B 117 1.56 11.78 -14.44
C VAL B 117 2.56 12.74 -13.79
N SER B 118 3.77 12.76 -14.33
CA SER B 118 4.82 13.62 -13.80
C SER B 118 5.85 13.95 -14.87
N SER B 119 6.54 15.08 -14.70
CA SER B 119 7.56 15.49 -15.67
C SER B 119 8.92 14.91 -15.27
N ALA B 120 8.98 14.29 -14.10
CA ALA B 120 10.22 13.72 -13.59
C ALA B 120 10.64 12.52 -14.44
N SER B 121 11.95 12.35 -14.61
CA SER B 121 12.49 11.26 -15.41
C SER B 121 12.54 9.95 -14.65
N THR B 122 12.46 8.85 -15.39
CA THR B 122 12.53 7.51 -14.82
C THR B 122 13.96 7.31 -14.31
N LYS B 123 14.10 6.71 -13.14
CA LYS B 123 15.41 6.46 -12.55
C LYS B 123 15.41 5.14 -11.81
N GLY B 124 16.42 4.31 -12.09
CA GLY B 124 16.53 3.03 -11.42
C GLY B 124 17.07 3.22 -10.01
N PRO B 125 16.78 2.29 -9.09
CA PRO B 125 17.27 2.41 -7.72
C PRO B 125 18.68 1.94 -7.44
N SER B 126 19.26 2.49 -6.38
CA SER B 126 20.56 2.06 -5.88
C SER B 126 20.09 1.01 -4.87
N VAL B 127 20.86 -0.04 -4.65
CA VAL B 127 20.47 -1.05 -3.67
C VAL B 127 21.63 -1.27 -2.73
N PHE B 128 21.40 -0.92 -1.46
CA PHE B 128 22.45 -1.04 -0.45
C PHE B 128 22.06 -2.07 0.59
N PRO B 129 23.04 -2.81 1.12
CA PRO B 129 22.71 -3.81 2.13
C PRO B 129 22.48 -3.19 3.50
N LEU B 130 21.60 -3.81 4.28
CA LEU B 130 21.34 -3.41 5.65
C LEU B 130 21.95 -4.64 6.31
N ALA B 131 23.25 -4.55 6.57
CA ALA B 131 24.03 -5.65 7.12
C ALA B 131 23.72 -6.03 8.56
N PRO B 132 23.54 -7.34 8.79
CA PRO B 132 23.25 -7.84 10.13
C PRO B 132 24.54 -7.80 10.95
N SER B 133 24.39 -7.50 12.24
CA SER B 133 25.53 -7.43 13.14
C SER B 133 24.96 -7.61 14.54
N SER B 134 25.80 -7.46 15.55
CA SER B 134 25.33 -7.59 16.93
C SER B 134 24.28 -6.50 17.16
N LYS B 135 24.43 -5.39 16.44
CA LYS B 135 23.51 -4.25 16.55
C LYS B 135 22.12 -4.52 15.99
N SER B 136 21.96 -5.63 15.27
CA SER B 136 20.66 -5.97 14.71
C SER B 136 20.30 -7.40 15.11
N THR B 137 20.82 -7.83 16.25
CA THR B 137 20.56 -9.16 16.76
C THR B 137 19.95 -9.05 18.16
N SER B 138 18.83 -9.73 18.37
CA SER B 138 18.15 -9.75 19.66
C SER B 138 17.89 -11.19 20.09
N GLY B 139 18.87 -11.80 20.76
CA GLY B 139 18.71 -13.16 21.22
C GLY B 139 18.79 -14.19 20.10
N GLY B 140 17.68 -14.88 19.87
CA GLY B 140 17.66 -15.88 18.82
C GLY B 140 17.19 -15.29 17.51
N THR B 141 16.97 -13.98 17.47
CA THR B 141 16.51 -13.31 16.26
C THR B 141 17.47 -12.23 15.76
N ALA B 142 17.75 -12.28 14.46
CA ALA B 142 18.63 -11.30 13.85
C ALA B 142 17.90 -10.69 12.66
N ALA B 143 18.11 -9.40 12.43
CA ALA B 143 17.48 -8.69 11.33
C ALA B 143 18.53 -8.26 10.31
N LEU B 144 18.12 -8.23 9.05
CA LEU B 144 18.99 -7.84 7.94
C LEU B 144 18.07 -7.35 6.83
N GLY B 145 18.64 -6.74 5.79
CA GLY B 145 17.78 -6.27 4.73
C GLY B 145 18.48 -5.51 3.62
N CYS B 146 17.68 -4.80 2.83
CA CYS B 146 18.17 -4.00 1.71
C CYS B 146 17.46 -2.67 1.64
N LEU B 147 18.22 -1.62 1.35
CA LEU B 147 17.68 -0.27 1.19
C LEU B 147 17.65 0.00 -0.31
N VAL B 148 16.44 0.19 -0.85
CA VAL B 148 16.22 0.46 -2.27
C VAL B 148 15.99 1.96 -2.33
N LYS B 149 17.01 2.69 -2.76
CA LYS B 149 16.99 4.15 -2.75
C LYS B 149 17.07 4.92 -4.07
N ASP B 150 16.41 6.07 -4.08
CA ASP B 150 16.41 6.99 -5.21
C ASP B 150 15.90 6.49 -6.55
N TYR B 151 14.68 5.97 -6.57
CA TYR B 151 14.11 5.50 -7.83
C TYR B 151 12.83 6.27 -8.15
N PHE B 152 12.38 6.14 -9.38
CA PHE B 152 11.17 6.79 -9.83
C PHE B 152 10.82 6.27 -11.22
N PRO B 153 9.52 6.00 -11.46
CA PRO B 153 8.41 6.14 -10.52
C PRO B 153 8.19 4.83 -9.77
N GLU B 154 7.10 4.76 -9.02
CA GLU B 154 6.77 3.51 -8.32
C GLU B 154 6.32 2.58 -9.45
N PRO B 155 6.33 1.27 -9.23
CA PRO B 155 6.75 0.61 -7.99
C PRO B 155 7.97 -0.25 -8.24
N VAL B 156 8.50 -0.80 -7.16
CA VAL B 156 9.64 -1.71 -7.21
C VAL B 156 9.16 -2.97 -6.51
N THR B 157 9.66 -4.12 -6.91
CA THR B 157 9.27 -5.36 -6.24
C THR B 157 10.54 -5.91 -5.63
N VAL B 158 10.43 -6.45 -4.43
CA VAL B 158 11.59 -7.02 -3.76
C VAL B 158 11.22 -8.40 -3.25
N SER B 159 12.10 -9.36 -3.48
CA SER B 159 11.89 -10.72 -3.00
C SER B 159 13.21 -11.12 -2.33
N TRP B 160 13.18 -12.22 -1.58
CA TRP B 160 14.38 -12.70 -0.92
C TRP B 160 14.67 -14.12 -1.37
N ASN B 161 15.92 -14.35 -1.76
CA ASN B 161 16.36 -15.66 -2.23
C ASN B 161 15.45 -16.19 -3.33
N SER B 162 15.16 -15.32 -4.29
CA SER B 162 14.29 -15.65 -5.42
C SER B 162 12.92 -16.17 -4.99
N GLY B 163 12.39 -15.60 -3.92
CA GLY B 163 11.07 -16.01 -3.44
C GLY B 163 11.09 -17.23 -2.55
N ALA B 164 12.27 -17.78 -2.29
CA ALA B 164 12.38 -18.95 -1.43
C ALA B 164 12.15 -18.56 0.02
N LEU B 165 12.50 -17.33 0.38
CA LEU B 165 12.34 -16.82 1.73
C LEU B 165 11.22 -15.79 1.80
N THR B 166 10.14 -16.11 2.51
CA THR B 166 9.02 -15.20 2.63
C THR B 166 8.63 -14.88 4.07
N SER B 167 8.79 -15.85 4.97
CA SER B 167 8.43 -15.61 6.37
C SER B 167 9.41 -14.65 7.04
N GLY B 168 8.87 -13.73 7.83
CA GLY B 168 9.69 -12.77 8.53
C GLY B 168 10.07 -11.56 7.69
N VAL B 169 9.56 -11.52 6.46
CA VAL B 169 9.85 -10.42 5.53
C VAL B 169 8.91 -9.24 5.68
N HIS B 170 9.49 -8.04 5.67
CA HIS B 170 8.73 -6.81 5.75
C HIS B 170 9.27 -5.82 4.72
N THR B 171 8.50 -5.59 3.66
CA THR B 171 8.90 -4.65 2.63
C THR B 171 8.02 -3.43 2.88
N PHE B 172 8.63 -2.37 3.38
CA PHE B 172 7.92 -1.15 3.71
C PHE B 172 7.41 -0.31 2.57
N PRO B 173 6.32 0.42 2.82
CA PRO B 173 5.75 1.28 1.79
C PRO B 173 6.83 2.31 1.46
N ALA B 174 6.97 2.64 0.18
CA ALA B 174 8.00 3.61 -0.20
C ALA B 174 7.69 4.99 0.35
N VAL B 175 8.72 5.80 0.57
CA VAL B 175 8.53 7.17 1.04
C VAL B 175 9.08 8.07 -0.06
N LEU B 176 8.43 9.21 -0.28
CA LEU B 176 8.86 10.15 -1.29
C LEU B 176 9.80 11.16 -0.64
N GLN B 177 11.06 11.16 -1.04
CA GLN B 177 12.05 12.09 -0.47
C GLN B 177 11.88 13.48 -1.08
N SER B 178 12.57 14.46 -0.48
CA SER B 178 12.51 15.84 -0.95
C SER B 178 13.02 15.98 -2.38
N SER B 179 13.95 15.11 -2.76
CA SER B 179 14.52 15.12 -4.09
C SER B 179 13.50 14.75 -5.16
N GLY B 180 12.38 14.16 -4.74
CA GLY B 180 11.37 13.76 -5.69
C GLY B 180 11.52 12.29 -6.07
N LEU B 181 12.44 11.62 -5.41
CA LEU B 181 12.70 10.21 -5.64
C LEU B 181 12.21 9.37 -4.46
N TYR B 182 11.78 8.15 -4.74
CA TYR B 182 11.30 7.23 -3.72
C TYR B 182 12.41 6.42 -3.08
N SER B 183 12.14 5.89 -1.90
CA SER B 183 13.09 5.08 -1.19
C SER B 183 12.33 4.17 -0.25
N LEU B 184 12.81 2.94 -0.11
CA LEU B 184 12.17 2.01 0.79
C LEU B 184 13.18 0.98 1.24
N SER B 185 12.85 0.28 2.32
CA SER B 185 13.71 -0.75 2.83
C SER B 185 12.89 -2.01 2.90
N SER B 186 13.55 -3.14 2.77
CA SER B 186 12.92 -4.43 2.89
C SER B 186 13.79 -5.13 3.91
N VAL B 187 13.18 -5.67 4.96
CA VAL B 187 13.96 -6.34 5.99
C VAL B 187 13.37 -7.72 6.23
N VAL B 188 14.18 -8.57 6.83
CA VAL B 188 13.73 -9.91 7.16
C VAL B 188 14.40 -10.30 8.48
N THR B 189 13.63 -10.97 9.33
CA THR B 189 14.17 -11.44 10.59
C THR B 189 14.33 -12.95 10.44
N VAL B 190 15.46 -13.45 10.91
CA VAL B 190 15.78 -14.85 10.82
C VAL B 190 16.36 -15.34 12.13
N PRO B 191 16.35 -16.65 12.37
CA PRO B 191 16.93 -17.09 13.64
C PRO B 191 18.43 -16.82 13.58
N SER B 192 19.00 -16.36 14.70
CA SER B 192 20.43 -16.04 14.78
C SER B 192 21.36 -17.18 14.38
N SER B 193 20.91 -18.42 14.61
CA SER B 193 21.71 -19.59 14.30
C SER B 193 21.86 -19.83 12.79
N SER B 194 21.08 -19.12 11.98
CA SER B 194 21.15 -19.31 10.53
C SER B 194 22.01 -18.29 9.80
N LEU B 195 22.38 -17.20 10.47
CA LEU B 195 23.19 -16.17 9.84
C LEU B 195 24.38 -16.67 9.05
N GLY B 196 25.38 -17.22 9.74
CA GLY B 196 26.57 -17.70 9.05
C GLY B 196 26.39 -18.95 8.21
N THR B 197 25.22 -19.58 8.30
CA THR B 197 24.98 -20.82 7.55
C THR B 197 24.16 -20.62 6.27
N GLN B 198 23.35 -19.58 6.23
CA GLN B 198 22.48 -19.32 5.08
C GLN B 198 22.88 -18.06 4.32
N THR B 199 22.72 -18.10 2.99
CA THR B 199 23.01 -16.95 2.14
C THR B 199 21.72 -16.15 2.00
N TYR B 200 21.84 -14.83 2.06
CA TYR B 200 20.68 -13.96 1.95
C TYR B 200 20.86 -12.94 0.83
N ILE B 201 20.03 -13.05 -0.21
CA ILE B 201 20.11 -12.15 -1.34
C ILE B 201 18.77 -11.47 -1.57
N CYS B 202 18.76 -10.16 -1.73
CA CYS B 202 17.51 -9.49 -2.00
C CYS B 202 17.48 -9.26 -3.50
N ASN B 203 16.37 -9.59 -4.13
CA ASN B 203 16.20 -9.42 -5.56
C ASN B 203 15.29 -8.22 -5.78
N VAL B 204 15.84 -7.16 -6.35
CA VAL B 204 15.09 -5.94 -6.60
C VAL B 204 14.82 -5.80 -8.09
N ASN B 205 13.57 -5.49 -8.42
CA ASN B 205 13.17 -5.32 -9.81
C ASN B 205 12.37 -4.02 -9.96
N HIS B 206 12.88 -3.11 -10.78
CA HIS B 206 12.20 -1.84 -11.06
C HIS B 206 11.85 -1.87 -12.54
N LYS B 207 10.70 -2.42 -12.87
CA LYS B 207 10.26 -2.54 -14.25
C LYS B 207 10.31 -1.25 -15.07
N PRO B 208 9.85 -0.13 -14.49
CA PRO B 208 9.87 1.14 -15.24
C PRO B 208 11.21 1.48 -15.87
N SER B 209 12.30 1.15 -15.16
CA SER B 209 13.62 1.44 -15.68
C SER B 209 14.27 0.17 -16.22
N ASN B 210 13.48 -0.90 -16.28
CA ASN B 210 13.95 -2.18 -16.78
C ASN B 210 15.24 -2.58 -16.07
N THR B 211 15.28 -2.36 -14.76
CA THR B 211 16.46 -2.71 -13.99
C THR B 211 16.16 -3.83 -12.98
N LYS B 212 17.10 -4.76 -12.87
CA LYS B 212 16.98 -5.88 -11.94
C LYS B 212 18.32 -6.03 -11.28
N VAL B 213 18.32 -5.98 -9.95
CA VAL B 213 19.54 -6.08 -9.17
C VAL B 213 19.42 -7.14 -8.08
N ASP B 214 20.50 -7.87 -7.84
CA ASP B 214 20.54 -8.86 -6.76
C ASP B 214 21.62 -8.33 -5.84
N LYS B 215 21.40 -8.43 -4.54
CA LYS B 215 22.40 -7.96 -3.60
C LYS B 215 22.53 -8.93 -2.45
N LYS B 216 23.71 -9.54 -2.34
CA LYS B 216 23.95 -10.49 -1.26
C LYS B 216 24.23 -9.66 -0.01
N VAL B 217 23.53 -9.97 1.08
CA VAL B 217 23.68 -9.24 2.33
C VAL B 217 24.45 -10.11 3.30
N GLU B 218 25.67 -9.68 3.62
CA GLU B 218 26.54 -10.42 4.52
C GLU B 218 26.75 -9.75 5.87
N PRO B 219 26.92 -10.56 6.93
CA PRO B 219 27.15 -10.06 8.29
C PRO B 219 28.33 -9.11 8.31
N LYS B 220 28.32 -8.17 9.26
CA LYS B 220 29.40 -7.21 9.37
C LYS B 220 29.78 -6.98 10.83
N SER B 221 30.95 -6.38 11.04
CA SER B 221 31.43 -6.08 12.38
C SER B 221 31.01 -4.65 12.71
N CYS B 222 30.28 -4.47 13.80
CA CYS B 222 29.82 -3.15 14.20
C CYS B 222 29.47 -3.12 15.69
S SO4 C . -24.11 -17.53 -0.31
O1 SO4 C . -24.04 -17.70 -1.77
O2 SO4 C . -24.41 -18.82 0.34
O3 SO4 C . -25.17 -16.56 0.03
O4 SO4 C . -22.81 -17.03 0.18
S SO4 D . -18.53 -18.15 7.24
O1 SO4 D . -17.90 -19.48 7.34
O2 SO4 D . -19.47 -17.97 8.37
O3 SO4 D . -19.28 -18.05 5.98
O4 SO4 D . -17.50 -17.10 7.29
#